data_7S0V
#
_entry.id   7S0V
#
_cell.length_a   41.620
_cell.length_b   41.620
_cell.length_c   231.162
_cell.angle_alpha   90.000
_cell.angle_beta   90.000
_cell.angle_gamma   120.000
#
_symmetry.space_group_name_H-M   'P 32 2 1'
#
loop_
_entity.id
_entity.type
_entity.pdbx_description
1 polymer Beta-lactamase
2 non-polymer 3-(1H-pyrazol-1-yl)-N-[3-(1H-tetrazol-5-yl)phenyl]-5-(trifluoromethyl)benzamide
3 water water
#
_entity_poly.entity_id   1
_entity_poly.type   'polypeptide(L)'
_entity_poly.pdbx_seq_one_letter_code
;QTSAVQQKLAALEKSSGGRLGVALIDTADNTQVLYRGDERFPMCSTSKVMAAAAVLKQSETQKQLLNQPVEIKPADLVNY
NPIAEKHVNGTMTLAELSAAALQYSDNTAMNKLIAQLGGPGGVTAFARAIGDETFRLDRTEPTLNTAIPGDPRDTTTPRA
MAQTLRQLTLGHALGETQRAQLVTWLKGNTTGAASIRAGLPTSWTVGNKTGSGDYGTTNDIAVIWPQGRAPLVLVTYFTQ
PQQNAESRRDVLASAARIIAEGL
;
_entity_poly.pdbx_strand_id   A
#
loop_
_chem_comp.id
_chem_comp.type
_chem_comp.name
_chem_comp.formula
J1X non-polymer 3-(1H-pyrazol-1-yl)-N-[3-(1H-tetrazol-5-yl)phenyl]-5-(trifluoromethyl)benzamide 'C18 H12 F3 N7 O'
#
# COMPACT_ATOMS: atom_id res chain seq x y z
N THR A 2 0.87 27.07 -14.79
CA THR A 2 0.26 27.26 -13.47
C THR A 2 -0.92 26.29 -13.29
N SER A 3 -0.58 25.00 -13.16
CA SER A 3 -1.59 23.95 -13.01
C SER A 3 -2.17 23.93 -11.60
N ALA A 4 -3.47 23.63 -11.51
CA ALA A 4 -4.24 23.95 -10.31
C ALA A 4 -3.69 23.23 -9.08
N VAL A 5 -4.08 21.98 -8.93
CA VAL A 5 -3.62 21.18 -7.80
C VAL A 5 -2.11 21.00 -7.84
N GLN A 6 -1.53 20.94 -9.03
CA GLN A 6 -0.13 20.55 -9.13
C GLN A 6 0.80 21.59 -8.50
N GLN A 7 0.47 22.85 -8.63
CA GLN A 7 1.10 23.80 -7.74
C GLN A 7 0.23 23.84 -6.50
N LYS A 8 0.89 23.87 -5.34
CA LYS A 8 0.32 23.59 -4.01
C LYS A 8 1.04 22.31 -3.62
N LEU A 9 0.89 21.25 -4.45
CA LEU A 9 1.65 20.02 -4.20
C LEU A 9 3.14 20.29 -4.31
N ALA A 10 3.54 21.02 -5.35
CA ALA A 10 4.93 21.40 -5.48
C ALA A 10 5.38 22.23 -4.30
N ALA A 11 4.53 23.17 -3.85
CA ALA A 11 4.91 24.01 -2.73
C ALA A 11 5.00 23.19 -1.45
N LEU A 12 4.05 22.28 -1.24
CA LEU A 12 4.13 21.36 -0.11
C LEU A 12 5.45 20.61 -0.12
N GLU A 13 5.79 20.02 -1.27
CA GLU A 13 7.08 19.32 -1.37
C GLU A 13 8.23 20.22 -0.96
N LYS A 14 8.32 21.42 -1.57
CA LYS A 14 9.39 22.35 -1.25
C LYS A 14 9.45 22.62 0.24
N SER A 15 8.27 22.84 0.86
CA SER A 15 8.23 23.14 2.28
C SER A 15 8.75 21.99 3.12
N SER A 16 8.67 20.76 2.60
CA SER A 16 9.01 19.59 3.39
C SER A 16 10.49 19.21 3.31
N GLY A 17 11.18 19.62 2.26
CA GLY A 17 12.56 19.23 2.11
C GLY A 17 12.80 17.83 1.62
N GLY A 18 11.77 17.19 1.05
CA GLY A 18 11.93 15.85 0.54
C GLY A 18 11.38 15.72 -0.86
N ARG A 19 10.99 14.50 -1.23
CA ARG A 19 10.51 14.20 -2.58
C ARG A 19 9.14 13.56 -2.41
N LEU A 20 8.13 14.16 -3.03
CA LEU A 20 6.75 13.76 -2.90
C LEU A 20 6.24 13.19 -4.21
N GLY A 21 5.51 12.08 -4.14
CA GLY A 21 4.88 11.51 -5.30
C GLY A 21 3.41 11.20 -5.05
N VAL A 22 2.56 11.63 -5.98
CA VAL A 22 1.13 11.57 -5.82
C VAL A 22 0.47 11.12 -7.12
N ALA A 23 -0.54 10.28 -6.98
CA ALA A 23 -1.35 9.88 -8.12
C ALA A 23 -2.78 9.73 -7.65
N LEU A 24 -3.68 10.51 -8.25
CA LEU A 24 -5.09 10.39 -7.98
C LEU A 24 -5.80 9.92 -9.24
N ILE A 25 -6.72 8.97 -9.07
CA ILE A 25 -7.63 8.55 -10.11
C ILE A 25 -9.03 8.90 -9.62
N ASP A 26 -9.60 9.97 -10.19
CA ASP A 26 -11.00 10.34 -9.95
C ASP A 26 -11.84 9.55 -10.93
N THR A 27 -12.54 8.55 -10.43
CA THR A 27 -13.32 7.65 -11.27
C THR A 27 -14.62 8.26 -11.79
N ALA A 28 -14.89 9.54 -11.48
CA ALA A 28 -16.00 10.23 -12.15
C ALA A 28 -15.58 10.52 -13.59
N ASP A 29 -14.78 11.58 -13.80
CA ASP A 29 -14.28 11.87 -15.13
C ASP A 29 -13.44 10.73 -15.71
N ASN A 30 -12.99 9.81 -14.84
CA ASN A 30 -11.79 9.01 -15.12
C ASN A 30 -10.61 9.94 -15.45
N THR A 31 -10.57 11.09 -14.77
CA THR A 31 -9.48 12.06 -14.86
C THR A 31 -8.36 11.66 -13.91
N GLN A 32 -7.18 12.25 -14.10
CA GLN A 32 -6.09 11.94 -13.19
C GLN A 32 -5.20 13.14 -12.89
N VAL A 33 -4.71 13.17 -11.65
CA VAL A 33 -3.77 14.19 -11.19
C VAL A 33 -2.51 13.46 -10.78
N LEU A 34 -1.37 13.98 -11.20
CA LEU A 34 -0.10 13.30 -11.02
C LEU A 34 0.95 14.32 -10.63
N TYR A 35 1.70 13.97 -9.59
CA TYR A 35 2.88 14.70 -9.18
C TYR A 35 4.02 13.69 -9.02
N ARG A 36 5.09 13.87 -9.80
CA ARG A 36 6.16 12.89 -9.94
C ARG A 36 5.56 11.50 -10.11
N GLY A 37 4.50 11.40 -10.93
CA GLY A 37 3.70 10.19 -11.04
C GLY A 37 4.39 9.04 -11.72
N ASP A 38 5.48 9.31 -12.44
CA ASP A 38 6.26 8.29 -13.13
C ASP A 38 7.62 8.08 -12.46
N GLU A 39 7.89 8.75 -11.35
CA GLU A 39 9.14 8.52 -10.66
C GLU A 39 8.99 7.27 -9.80
N ARG A 40 10.12 6.61 -9.55
CA ARG A 40 10.15 5.45 -8.66
C ARG A 40 10.30 5.89 -7.22
N PHE A 41 9.59 5.20 -6.33
CA PHE A 41 9.62 5.40 -4.89
C PHE A 41 9.71 4.04 -4.19
N PRO A 42 10.39 3.98 -3.06
CA PRO A 42 10.34 2.73 -2.27
C PRO A 42 8.92 2.54 -1.74
N MET A 43 8.37 1.34 -1.96
CA MET A 43 6.98 1.05 -1.61
C MET A 43 6.82 0.81 -0.11
N CYS A 44 7.83 0.18 0.51
CA CYS A 44 7.78 -0.24 1.90
C CYS A 44 6.48 -1.02 2.03
N SER A 45 5.78 -0.85 3.14
CA SER A 45 4.69 -1.78 3.43
C SER A 45 3.46 -1.58 2.52
N THR A 46 3.43 -0.58 1.62
CA THR A 46 2.32 -0.55 0.68
C THR A 46 2.36 -1.75 -0.24
N SER A 47 3.52 -2.42 -0.35
CA SER A 47 3.61 -3.65 -1.10
C SER A 47 2.81 -4.79 -0.46
N LYS A 48 2.43 -4.66 0.81
CA LYS A 48 1.67 -5.74 1.43
C LYS A 48 0.33 -5.95 0.71
N VAL A 49 -0.19 -4.91 0.05
CA VAL A 49 -1.45 -5.03 -0.68
C VAL A 49 -1.27 -5.97 -1.85
N MET A 50 -0.14 -5.86 -2.56
CA MET A 50 0.06 -6.76 -3.71
C MET A 50 0.20 -8.19 -3.24
N ALA A 51 0.83 -8.42 -2.09
CA ALA A 51 1.06 -9.80 -1.67
C ALA A 51 -0.23 -10.44 -1.20
N ALA A 52 -1.01 -9.70 -0.42
CA ALA A 52 -2.32 -10.18 -0.01
C ALA A 52 -3.24 -10.38 -1.22
N ALA A 53 -3.23 -9.44 -2.16
CA ALA A 53 -4.05 -9.59 -3.36
C ALA A 53 -3.66 -10.84 -4.13
N ALA A 54 -2.37 -11.19 -4.12
CA ALA A 54 -1.90 -12.37 -4.85
C ALA A 54 -2.36 -13.65 -4.17
N VAL A 55 -2.38 -13.68 -2.85
CA VAL A 55 -2.88 -14.86 -2.17
C VAL A 55 -4.38 -14.98 -2.41
N LEU A 56 -5.12 -13.88 -2.37
CA LEU A 56 -6.53 -13.90 -2.72
C LEU A 56 -6.74 -14.48 -4.12
N LYS A 57 -5.92 -14.06 -5.08
CA LYS A 57 -6.04 -14.58 -6.44
C LYS A 57 -5.82 -16.08 -6.47
N GLN A 58 -4.90 -16.57 -5.64
CA GLN A 58 -4.73 -18.02 -5.52
C GLN A 58 -5.97 -18.68 -4.93
N SER A 59 -6.65 -18.00 -4.00
CA SER A 59 -7.77 -18.58 -3.28
C SER A 59 -8.95 -18.87 -4.18
N GLU A 60 -8.95 -18.27 -5.36
CA GLU A 60 -10.08 -18.41 -6.27
C GLU A 60 -10.22 -19.85 -6.75
N THR A 61 -9.11 -20.57 -6.92
CA THR A 61 -9.14 -21.98 -7.29
C THR A 61 -8.87 -22.90 -6.11
N GLN A 62 -8.27 -22.39 -5.04
CA GLN A 62 -8.08 -23.14 -3.80
C GLN A 62 -9.02 -22.53 -2.76
N LYS A 63 -10.30 -22.87 -2.88
CA LYS A 63 -11.37 -22.22 -2.12
C LYS A 63 -11.28 -22.50 -0.62
N GLN A 64 -10.31 -23.29 -0.18
CA GLN A 64 -10.05 -23.56 1.22
C GLN A 64 -8.72 -22.94 1.70
N LEU A 65 -8.08 -22.15 0.86
CA LEU A 65 -6.71 -21.71 1.18
C LEU A 65 -6.70 -20.73 2.35
N LEU A 66 -7.56 -19.70 2.28
CA LEU A 66 -7.60 -18.69 3.34
C LEU A 66 -7.80 -19.30 4.73
N ASN A 67 -8.32 -20.52 4.80
CA ASN A 67 -8.52 -21.16 6.09
C ASN A 67 -7.39 -22.11 6.45
N GLN A 68 -6.40 -22.24 5.59
CA GLN A 68 -5.31 -23.17 5.85
C GLN A 68 -4.45 -22.71 7.00
N PRO A 69 -4.29 -23.53 8.03
CA PRO A 69 -3.41 -23.14 9.13
C PRO A 69 -1.95 -23.13 8.72
N VAL A 70 -1.24 -22.12 9.19
CA VAL A 70 0.17 -21.90 8.88
C VAL A 70 0.92 -21.75 10.19
N GLU A 71 2.00 -22.50 10.33
CA GLU A 71 2.80 -22.48 11.54
C GLU A 71 3.54 -21.16 11.67
N ILE A 72 3.48 -20.54 12.84
CA ILE A 72 4.37 -19.44 13.20
C ILE A 72 5.41 -19.96 14.17
N LYS A 73 6.67 -19.98 13.76
CA LYS A 73 7.81 -20.51 14.42
C LYS A 73 8.71 -19.37 14.91
N PRO A 74 9.36 -19.56 16.05
CA PRO A 74 10.23 -18.50 16.58
C PRO A 74 11.18 -17.92 15.56
N ALA A 75 11.72 -18.76 14.67
CA ALA A 75 12.67 -18.27 13.69
C ALA A 75 12.01 -17.36 12.68
N ASP A 76 10.68 -17.42 12.57
CA ASP A 76 9.95 -16.64 11.57
C ASP A 76 9.86 -15.18 11.98
N LEU A 77 9.90 -14.88 13.26
CA LEU A 77 9.66 -13.53 13.72
C LEU A 77 10.80 -12.60 13.29
N VAL A 78 10.44 -11.43 12.77
CA VAL A 78 11.44 -10.46 12.36
C VAL A 78 11.32 -9.21 13.23
N ASN A 79 11.30 -8.03 12.64
CA ASN A 79 11.49 -6.82 13.43
C ASN A 79 10.21 -6.16 13.91
N TYR A 80 9.04 -6.58 13.42
CA TYR A 80 7.77 -5.96 13.81
C TYR A 80 6.66 -6.98 13.56
N ASN A 81 6.22 -7.64 14.63
CA ASN A 81 5.35 -8.81 14.53
C ASN A 81 4.20 -8.69 15.52
N PRO A 82 3.42 -7.61 15.46
CA PRO A 82 2.44 -7.37 16.53
C PRO A 82 1.38 -8.42 16.63
N ILE A 83 0.95 -9.00 15.51
CA ILE A 83 -0.03 -10.06 15.54
C ILE A 83 0.65 -11.41 15.66
N ALA A 84 1.65 -11.68 14.82
CA ALA A 84 2.21 -13.02 14.77
C ALA A 84 2.94 -13.40 16.06
N GLU A 85 3.54 -12.43 16.76
CA GLU A 85 4.19 -12.80 18.02
C GLU A 85 3.17 -13.31 19.03
N LYS A 86 1.88 -13.07 18.79
CA LYS A 86 0.81 -13.59 19.65
C LYS A 86 0.48 -15.04 19.34
N HIS A 87 1.15 -15.65 18.35
CA HIS A 87 0.84 -17.02 17.97
C HIS A 87 2.10 -17.82 17.71
N VAL A 88 3.22 -17.41 18.29
CA VAL A 88 4.45 -18.14 18.14
C VAL A 88 4.25 -19.54 18.70
N ASN A 89 4.87 -20.52 18.04
CA ASN A 89 4.71 -21.93 18.37
C ASN A 89 3.24 -22.34 18.28
N GLY A 90 2.54 -21.69 17.39
CA GLY A 90 1.18 -22.04 17.10
C GLY A 90 0.96 -21.80 15.64
N THR A 91 -0.29 -21.63 15.23
CA THR A 91 -0.65 -21.48 13.83
C THR A 91 -1.51 -20.25 13.68
N MET A 92 -1.48 -19.70 12.46
CA MET A 92 -2.39 -18.68 12.00
C MET A 92 -2.84 -19.06 10.60
N THR A 93 -4.05 -18.68 10.26
CA THR A 93 -4.53 -19.01 8.91
C THR A 93 -4.09 -17.94 7.92
N LEU A 94 -4.17 -18.27 6.63
CA LEU A 94 -3.73 -17.28 5.65
C LEU A 94 -4.66 -16.08 5.64
N ALA A 95 -5.93 -16.26 6.05
CA ALA A 95 -6.79 -15.10 6.19
C ALA A 95 -6.35 -14.23 7.36
N GLU A 96 -5.96 -14.85 8.46
CA GLU A 96 -5.49 -14.07 9.61
C GLU A 96 -4.15 -13.40 9.34
N LEU A 97 -3.29 -14.08 8.60
CA LEU A 97 -2.01 -13.50 8.20
C LEU A 97 -2.22 -12.32 7.26
N SER A 98 -3.18 -12.45 6.33
CA SER A 98 -3.48 -11.38 5.40
C SER A 98 -4.00 -10.15 6.14
N ALA A 99 -4.93 -10.35 7.08
CA ALA A 99 -5.43 -9.24 7.89
C ALA A 99 -4.34 -8.66 8.77
N ALA A 100 -3.46 -9.52 9.31
CA ALA A 100 -2.39 -9.01 10.14
C ALA A 100 -1.49 -8.11 9.32
N ALA A 101 -1.09 -8.60 8.14
CA ALA A 101 -0.24 -7.81 7.25
C ALA A 101 -0.90 -6.49 6.86
N LEU A 102 -2.19 -6.53 6.52
CA LEU A 102 -2.79 -5.32 5.99
C LEU A 102 -3.29 -4.35 7.06
N GLN A 103 -3.83 -4.86 8.17
CA GLN A 103 -4.46 -4.02 9.18
C GLN A 103 -3.54 -3.68 10.33
N TYR A 104 -2.47 -4.42 10.55
CA TYR A 104 -1.47 -4.03 11.53
C TYR A 104 -0.08 -3.93 10.95
N SER A 105 0.07 -4.15 9.65
CA SER A 105 1.38 -4.03 9.00
C SER A 105 2.37 -4.97 9.64
N ASP A 106 1.95 -6.21 9.90
CA ASP A 106 2.81 -7.19 10.54
C ASP A 106 3.78 -7.77 9.51
N ASN A 107 5.08 -7.67 9.81
CA ASN A 107 6.10 -8.08 8.86
C ASN A 107 6.25 -9.61 8.79
N THR A 108 6.11 -10.31 9.91
CA THR A 108 6.15 -11.77 9.82
C THR A 108 4.98 -12.27 9.01
N ALA A 109 3.83 -11.60 9.11
CA ALA A 109 2.69 -12.00 8.29
C ALA A 109 2.97 -11.78 6.80
N MET A 110 3.58 -10.65 6.46
CA MET A 110 3.93 -10.42 5.08
C MET A 110 4.86 -11.52 4.55
N ASN A 111 5.87 -11.91 5.32
CA ASN A 111 6.80 -12.92 4.86
C ASN A 111 6.09 -14.25 4.62
N LYS A 112 5.08 -14.59 5.41
CA LYS A 112 4.32 -15.81 5.15
C LYS A 112 3.55 -15.70 3.85
N LEU A 113 3.04 -14.50 3.53
CA LEU A 113 2.39 -14.31 2.24
C LEU A 113 3.40 -14.42 1.11
N ILE A 114 4.62 -13.91 1.34
CA ILE A 114 5.62 -14.03 0.29
C ILE A 114 5.97 -15.49 0.08
N ALA A 115 6.11 -16.23 1.18
CA ALA A 115 6.50 -17.62 1.08
C ALA A 115 5.43 -18.41 0.36
N GLN A 116 4.16 -18.08 0.62
CA GLN A 116 3.07 -18.82 -0.02
C GLN A 116 3.07 -18.59 -1.52
N LEU A 117 3.59 -17.46 -1.98
CA LEU A 117 3.66 -17.14 -3.40
C LEU A 117 5.00 -17.53 -4.03
N GLY A 118 5.86 -18.23 -3.30
CA GLY A 118 7.09 -18.70 -3.89
C GLY A 118 8.22 -17.72 -3.92
N GLY A 119 8.21 -16.70 -3.05
CA GLY A 119 9.27 -15.72 -2.93
C GLY A 119 8.83 -14.38 -3.49
N PRO A 120 9.69 -13.38 -3.40
CA PRO A 120 9.29 -12.05 -3.88
C PRO A 120 8.91 -12.05 -5.34
N GLY A 121 9.51 -12.89 -6.17
CA GLY A 121 9.16 -13.00 -7.57
C GLY A 121 7.74 -13.43 -7.80
N GLY A 122 7.14 -14.12 -6.84
CA GLY A 122 5.74 -14.46 -6.93
C GLY A 122 4.81 -13.29 -6.71
N VAL A 123 5.20 -12.34 -5.86
CA VAL A 123 4.42 -11.10 -5.78
C VAL A 123 4.53 -10.31 -7.07
N THR A 124 5.76 -10.18 -7.58
CA THR A 124 5.92 -9.43 -8.82
C THR A 124 5.14 -10.11 -9.95
N ALA A 125 5.08 -11.43 -9.93
CA ALA A 125 4.37 -12.18 -10.95
C ALA A 125 2.90 -11.80 -11.01
N PHE A 126 2.25 -11.76 -9.85
CA PHE A 126 0.87 -11.32 -9.79
C PHE A 126 0.70 -9.92 -10.37
N ALA A 127 1.61 -8.99 -10.05
CA ALA A 127 1.48 -7.66 -10.62
C ALA A 127 1.53 -7.72 -12.13
N ARG A 128 2.41 -8.56 -12.69
CA ARG A 128 2.48 -8.62 -14.15
C ARG A 128 1.22 -9.25 -14.72
N ALA A 129 0.75 -10.30 -14.08
CA ALA A 129 -0.50 -10.92 -14.47
C ALA A 129 -1.67 -9.94 -14.55
N ILE A 130 -1.63 -8.81 -13.86
CA ILE A 130 -2.75 -7.87 -13.91
C ILE A 130 -2.39 -6.58 -14.65
N GLY A 131 -1.36 -6.61 -15.46
CA GLY A 131 -0.99 -5.49 -16.29
C GLY A 131 -0.08 -4.47 -15.64
N ASP A 132 0.39 -4.70 -14.42
CA ASP A 132 1.30 -3.78 -13.75
C ASP A 132 2.72 -4.19 -14.11
N GLU A 133 3.37 -3.42 -14.99
CA GLU A 133 4.72 -3.71 -15.46
C GLU A 133 5.76 -2.91 -14.70
N THR A 134 5.35 -2.17 -13.66
CA THR A 134 6.25 -1.28 -12.93
C THR A 134 6.62 -1.81 -11.55
N PHE A 135 5.63 -2.27 -10.81
CA PHE A 135 5.86 -2.90 -9.53
C PHE A 135 6.95 -3.94 -9.62
N ARG A 136 7.88 -3.88 -8.68
CA ARG A 136 8.79 -4.98 -8.52
C ARG A 136 9.05 -5.17 -7.03
N LEU A 137 8.93 -6.41 -6.57
CA LEU A 137 9.34 -6.78 -5.23
C LEU A 137 10.54 -7.72 -5.36
N ASP A 138 11.58 -7.44 -4.60
CA ASP A 138 12.88 -8.08 -4.69
C ASP A 138 13.33 -8.71 -3.41
N ARG A 139 12.92 -8.18 -2.27
CA ARG A 139 13.35 -8.67 -0.98
C ARG A 139 12.14 -8.99 -0.14
N THR A 140 12.41 -9.70 0.95
CA THR A 140 11.41 -10.00 1.97
C THR A 140 11.47 -8.93 3.06
N GLU A 141 10.67 -9.08 4.12
CA GLU A 141 10.77 -8.21 5.27
C GLU A 141 11.96 -8.63 6.15
N PRO A 142 12.69 -7.68 6.75
CA PRO A 142 12.45 -6.26 6.72
C PRO A 142 13.31 -5.48 5.74
N THR A 143 14.22 -6.14 5.06
CA THR A 143 15.18 -5.42 4.21
C THR A 143 14.52 -4.73 3.03
N LEU A 144 13.29 -5.08 2.68
CA LEU A 144 12.68 -4.34 1.58
C LEU A 144 12.33 -2.88 1.94
N ASN A 145 12.56 -2.45 3.18
CA ASN A 145 12.27 -1.09 3.60
C ASN A 145 13.51 -0.23 3.69
N THR A 146 14.62 -0.65 3.08
CA THR A 146 15.85 0.13 3.18
C THR A 146 15.74 1.48 2.46
N ALA A 147 14.91 1.57 1.43
CA ALA A 147 14.51 2.86 0.84
C ALA A 147 15.72 3.68 0.41
N ILE A 148 16.72 3.02 -0.13
CA ILE A 148 17.98 3.67 -0.50
C ILE A 148 17.77 4.51 -1.74
N PRO A 149 18.24 5.75 -1.76
CA PRO A 149 18.10 6.58 -2.97
C PRO A 149 18.72 5.94 -4.19
N GLY A 150 17.97 5.99 -5.30
CA GLY A 150 18.35 5.38 -6.54
C GLY A 150 18.14 3.89 -6.62
N ASP A 151 17.91 3.20 -5.52
CA ASP A 151 17.81 1.73 -5.55
C ASP A 151 16.50 1.36 -6.22
N PRO A 152 16.50 0.60 -7.32
CA PRO A 152 15.23 0.21 -7.96
C PRO A 152 14.50 -0.90 -7.23
N ARG A 153 15.17 -1.61 -6.31
CA ARG A 153 14.56 -2.73 -5.64
C ARG A 153 13.31 -2.27 -4.89
N ASP A 154 12.24 -3.05 -4.98
CA ASP A 154 11.09 -2.84 -4.11
C ASP A 154 10.46 -1.46 -4.33
N THR A 155 10.38 -1.06 -5.60
CA THR A 155 9.81 0.22 -5.95
C THR A 155 8.63 0.05 -6.92
N THR A 156 7.85 1.12 -7.04
CA THR A 156 6.88 1.29 -8.14
C THR A 156 6.73 2.80 -8.35
N THR A 157 5.82 3.19 -9.22
CA THR A 157 5.54 4.62 -9.42
C THR A 157 4.16 4.94 -8.87
N PRO A 158 3.88 6.19 -8.55
CA PRO A 158 2.52 6.48 -8.05
C PRO A 158 1.46 6.14 -9.09
N ARG A 159 1.71 6.50 -10.36
CA ARG A 159 0.73 6.19 -11.41
C ARG A 159 0.46 4.69 -11.46
N ALA A 160 1.54 3.89 -11.46
CA ALA A 160 1.35 2.45 -11.58
C ALA A 160 0.55 1.91 -10.41
N MET A 161 0.84 2.35 -9.18
CA MET A 161 0.20 1.75 -8.01
C MET A 161 -1.25 2.22 -7.91
N ALA A 162 -1.49 3.48 -8.26
CA ALA A 162 -2.88 3.93 -8.28
C ALA A 162 -3.72 3.10 -9.25
N GLN A 163 -3.25 2.94 -10.49
CA GLN A 163 -3.94 2.10 -11.46
C GLN A 163 -4.17 0.69 -10.92
N THR A 164 -3.17 0.12 -10.24
CA THR A 164 -3.33 -1.26 -9.77
C THR A 164 -4.29 -1.33 -8.59
N LEU A 165 -4.17 -0.39 -7.65
CA LEU A 165 -5.12 -0.35 -6.53
C LEU A 165 -6.54 -0.22 -7.04
N ARG A 166 -6.74 0.62 -8.06
CA ARG A 166 -8.06 0.68 -8.71
C ARG A 166 -8.52 -0.71 -9.14
N GLN A 167 -7.73 -1.38 -10.00
CA GLN A 167 -8.14 -2.67 -10.56
C GLN A 167 -8.40 -3.70 -9.49
N LEU A 168 -7.62 -3.66 -8.41
CA LEU A 168 -7.79 -4.63 -7.35
C LEU A 168 -9.06 -4.35 -6.54
N THR A 169 -9.40 -3.07 -6.33
CA THR A 169 -10.48 -2.72 -5.40
C THR A 169 -11.76 -2.26 -6.07
N LEU A 170 -11.67 -1.58 -7.21
CA LEU A 170 -12.84 -1.17 -7.97
C LEU A 170 -13.07 -2.04 -9.21
N GLY A 171 -12.01 -2.45 -9.90
CA GLY A 171 -12.12 -3.26 -11.11
C GLY A 171 -12.25 -4.74 -10.82
N HIS A 172 -11.84 -5.58 -11.77
CA HIS A 172 -11.97 -7.02 -11.58
C HIS A 172 -10.67 -7.75 -11.84
N ALA A 173 -9.56 -7.22 -11.35
CA ALA A 173 -8.35 -8.02 -11.28
C ALA A 173 -8.57 -9.23 -10.37
N LEU A 174 -9.51 -9.13 -9.43
CA LEU A 174 -9.81 -10.23 -8.55
C LEU A 174 -11.25 -10.70 -8.77
N GLY A 175 -11.58 -11.84 -8.16
CA GLY A 175 -12.95 -12.28 -8.07
C GLY A 175 -13.74 -11.48 -7.03
N GLU A 176 -14.99 -11.16 -7.38
CA GLU A 176 -15.83 -10.33 -6.53
C GLU A 176 -15.74 -10.72 -5.06
N THR A 177 -15.82 -12.01 -4.75
CA THR A 177 -15.67 -12.40 -3.37
C THR A 177 -14.30 -11.95 -2.83
N GLN A 178 -13.27 -12.02 -3.67
CA GLN A 178 -11.94 -11.66 -3.24
C GLN A 178 -11.76 -10.14 -3.19
N ARG A 179 -12.27 -9.44 -4.20
CA ARG A 179 -12.26 -7.98 -4.18
C ARG A 179 -12.97 -7.44 -2.94
N ALA A 180 -14.17 -7.95 -2.66
CA ALA A 180 -14.89 -7.48 -1.48
C ALA A 180 -14.09 -7.75 -0.23
N GLN A 181 -13.38 -8.87 -0.19
CA GLN A 181 -12.54 -9.21 0.95
C GLN A 181 -11.39 -8.25 1.10
N LEU A 182 -10.73 -7.91 0.01
CA LEU A 182 -9.66 -6.93 0.07
C LEU A 182 -10.20 -5.59 0.55
N VAL A 183 -11.31 -5.14 -0.04
CA VAL A 183 -11.90 -3.87 0.39
C VAL A 183 -12.18 -3.88 1.89
N THR A 184 -12.74 -4.98 2.40
CA THR A 184 -13.02 -5.06 3.84
C THR A 184 -11.73 -4.96 4.65
N TRP A 185 -10.68 -5.63 4.19
CA TRP A 185 -9.41 -5.55 4.88
C TRP A 185 -8.91 -4.11 4.90
N LEU A 186 -8.87 -3.45 3.74
CA LEU A 186 -8.35 -2.09 3.69
C LEU A 186 -9.15 -1.14 4.60
N LYS A 187 -10.48 -1.32 4.65
CA LYS A 187 -11.33 -0.37 5.35
C LYS A 187 -11.09 -0.41 6.85
N GLY A 188 -10.74 -1.57 7.38
CA GLY A 188 -10.48 -1.75 8.77
C GLY A 188 -9.01 -1.72 9.12
N ASN A 189 -8.20 -1.15 8.22
CA ASN A 189 -6.82 -0.88 8.57
C ASN A 189 -6.75 0.01 9.80
N THR A 190 -5.81 -0.28 10.70
CA THR A 190 -5.69 0.52 11.91
C THR A 190 -4.53 1.52 11.87
N THR A 191 -3.64 1.44 10.90
CA THR A 191 -2.52 2.34 10.81
C THR A 191 -2.92 3.57 9.99
N GLY A 192 -2.06 4.57 9.97
CA GLY A 192 -2.31 5.68 9.09
C GLY A 192 -3.51 6.54 9.41
N ALA A 193 -3.95 6.57 10.66
CA ALA A 193 -4.86 7.63 11.05
C ALA A 193 -4.26 9.01 10.77
N ALA A 194 -2.93 9.14 10.80
CA ALA A 194 -2.28 10.43 10.61
C ALA A 194 -1.86 10.70 9.17
N SER A 195 -2.13 9.78 8.26
CA SER A 195 -1.65 9.88 6.89
C SER A 195 -2.78 10.41 6.00
N ILE A 196 -3.11 9.76 4.88
CA ILE A 196 -4.15 10.24 3.98
C ILE A 196 -5.43 10.54 4.71
N ARG A 197 -5.83 9.63 5.62
CA ARG A 197 -7.13 9.80 6.29
C ARG A 197 -7.23 11.16 6.99
N ALA A 198 -6.11 11.66 7.50
CA ALA A 198 -6.14 12.86 8.30
C ALA A 198 -6.33 14.10 7.44
N GLY A 199 -6.24 13.98 6.12
CA GLY A 199 -6.40 15.12 5.26
C GLY A 199 -7.69 15.15 4.48
N LEU A 200 -8.65 14.30 4.81
CA LEU A 200 -9.86 14.14 4.03
C LEU A 200 -11.09 14.50 4.85
N PRO A 201 -12.15 14.96 4.19
CA PRO A 201 -13.40 15.21 4.92
C PRO A 201 -13.73 13.99 5.75
N THR A 202 -14.20 14.25 6.99
CA THR A 202 -14.47 13.19 7.95
C THR A 202 -15.58 12.27 7.48
N SER A 203 -16.38 12.75 6.51
CA SER A 203 -17.55 12.05 5.98
C SER A 203 -17.21 10.95 5.00
N TRP A 204 -15.98 10.91 4.51
CA TRP A 204 -15.59 9.98 3.46
C TRP A 204 -15.18 8.65 4.05
N THR A 205 -15.50 7.57 3.35
CA THR A 205 -15.10 6.24 3.78
C THR A 205 -13.78 5.91 3.11
N VAL A 206 -12.89 5.23 3.83
CA VAL A 206 -11.52 5.06 3.34
C VAL A 206 -11.01 3.67 3.66
N GLY A 207 -10.33 3.06 2.69
CA GLY A 207 -9.54 1.87 2.93
C GLY A 207 -8.15 2.20 2.43
N ASN A 208 -7.15 1.82 3.21
CA ASN A 208 -5.80 2.32 2.97
C ASN A 208 -4.78 1.33 3.50
N LYS A 209 -3.55 1.47 2.99
CA LYS A 209 -2.37 0.77 3.51
C LYS A 209 -1.20 1.75 3.56
N THR A 210 -0.55 1.83 4.73
CA THR A 210 0.59 2.67 4.99
C THR A 210 1.89 1.92 4.77
N GLY A 211 2.98 2.68 4.64
CA GLY A 211 4.30 2.10 4.73
C GLY A 211 5.24 3.17 5.22
N SER A 212 6.39 2.72 5.71
CA SER A 212 7.44 3.59 6.20
C SER A 212 8.76 2.82 6.11
N GLY A 213 9.85 3.55 6.04
CA GLY A 213 11.17 2.91 6.05
C GLY A 213 12.28 3.91 6.28
N ASP A 214 13.48 3.53 5.86
CA ASP A 214 14.62 4.41 6.04
C ASP A 214 14.47 5.64 5.17
N TYR A 215 15.37 6.62 5.37
CA TYR A 215 15.28 7.87 4.62
C TYR A 215 13.93 8.57 4.81
N GLY A 216 13.38 8.41 6.00
CA GLY A 216 12.16 9.06 6.39
C GLY A 216 11.03 8.77 5.40
N THR A 217 11.09 7.61 4.79
CA THR A 217 10.07 7.21 3.82
C THR A 217 8.72 7.00 4.53
N THR A 218 7.69 7.67 4.00
CA THR A 218 6.36 7.70 4.58
C THR A 218 5.39 7.58 3.42
N ASN A 219 4.62 6.48 3.37
CA ASN A 219 3.79 6.19 2.22
C ASN A 219 2.35 5.90 2.68
N ASP A 220 1.41 6.12 1.76
CA ASP A 220 0.03 5.72 1.99
C ASP A 220 -0.65 5.53 0.64
N ILE A 221 -1.47 4.50 0.53
CA ILE A 221 -2.29 4.29 -0.67
C ILE A 221 -3.70 3.98 -0.20
N ALA A 222 -4.68 4.53 -0.90
CA ALA A 222 -6.04 4.51 -0.41
C ALA A 222 -7.01 4.43 -1.59
N VAL A 223 -8.15 3.86 -1.32
CA VAL A 223 -9.32 4.03 -2.16
C VAL A 223 -10.35 4.74 -1.29
N ILE A 224 -11.04 5.71 -1.89
CA ILE A 224 -11.78 6.71 -1.13
C ILE A 224 -13.18 6.78 -1.72
N TRP A 225 -14.20 6.55 -0.87
CA TRP A 225 -15.58 6.70 -1.27
C TRP A 225 -16.15 7.96 -0.66
N PRO A 226 -16.20 9.07 -1.37
CA PRO A 226 -16.97 10.21 -0.86
C PRO A 226 -18.45 9.85 -0.88
N GLN A 227 -19.21 10.52 -0.02
CA GLN A 227 -20.65 10.28 0.04
C GLN A 227 -21.32 10.90 -1.18
N GLY A 228 -22.17 10.12 -1.85
CA GLY A 228 -22.86 10.59 -3.04
C GLY A 228 -21.92 10.98 -4.15
N ARG A 229 -20.87 10.20 -4.36
CA ARG A 229 -19.90 10.58 -5.39
C ARG A 229 -19.07 9.37 -5.80
N ALA A 230 -18.60 9.42 -7.04
CA ALA A 230 -17.72 8.40 -7.56
C ALA A 230 -16.49 8.23 -6.67
N PRO A 231 -16.08 7.01 -6.37
CA PRO A 231 -14.90 6.82 -5.51
C PRO A 231 -13.62 7.28 -6.16
N LEU A 232 -12.63 7.52 -5.31
CA LEU A 232 -11.30 7.92 -5.72
C LEU A 232 -10.27 6.88 -5.29
N VAL A 233 -9.12 6.90 -5.98
CA VAL A 233 -7.93 6.14 -5.60
C VAL A 233 -6.77 7.11 -5.50
N LEU A 234 -6.09 7.11 -4.35
CA LEU A 234 -5.03 8.07 -4.10
C LEU A 234 -3.79 7.37 -3.59
N VAL A 235 -2.67 7.65 -4.23
CA VAL A 235 -1.36 7.20 -3.80
C VAL A 235 -0.55 8.43 -3.40
N THR A 236 0.05 8.39 -2.22
CA THR A 236 0.95 9.42 -1.75
C THR A 236 2.20 8.76 -1.21
N TYR A 237 3.33 9.02 -1.86
CA TYR A 237 4.62 8.47 -1.47
C TYR A 237 5.52 9.64 -1.11
N PHE A 238 6.39 9.45 -0.12
CA PHE A 238 7.28 10.54 0.29
C PHE A 238 8.57 9.94 0.84
N THR A 239 9.70 10.55 0.48
CA THR A 239 10.99 10.07 0.98
C THR A 239 11.95 11.27 1.01
N GLN A 240 12.96 11.15 1.84
CA GLN A 240 13.75 12.30 2.24
C GLN A 240 15.22 12.09 1.93
N PRO A 241 16.03 13.17 1.90
CA PRO A 241 17.44 13.02 1.51
C PRO A 241 18.36 12.48 2.58
N GLN A 242 17.95 12.48 3.83
CA GLN A 242 18.82 12.13 4.95
C GLN A 242 18.39 10.78 5.51
N GLN A 243 19.35 9.86 5.63
CA GLN A 243 19.04 8.54 6.16
C GLN A 243 18.36 8.62 7.53
N ASN A 244 18.76 9.59 8.36
CA ASN A 244 18.22 9.70 9.71
C ASN A 244 16.88 10.44 9.76
N ALA A 245 16.22 10.68 8.63
CA ALA A 245 15.09 11.59 8.61
C ALA A 245 13.90 11.00 9.33
N GLU A 246 13.13 11.87 9.97
CA GLU A 246 11.95 11.44 10.68
C GLU A 246 10.78 11.29 9.70
N SER A 247 9.83 10.44 10.09
CA SER A 247 8.61 10.29 9.32
C SER A 247 7.89 11.62 9.14
N ARG A 248 7.20 11.74 8.00
CA ARG A 248 6.39 12.91 7.70
C ARG A 248 4.99 12.48 7.28
N ARG A 249 4.25 11.86 8.20
CA ARG A 249 2.88 11.45 7.85
C ARG A 249 2.03 12.68 7.54
N ASP A 250 2.38 13.82 8.15
CA ASP A 250 1.68 15.08 7.87
C ASP A 250 1.75 15.47 6.41
N VAL A 251 2.84 15.14 5.73
CA VAL A 251 2.93 15.48 4.31
C VAL A 251 1.87 14.74 3.53
N LEU A 252 1.61 13.46 3.89
CA LEU A 252 0.60 12.68 3.19
C LEU A 252 -0.80 13.22 3.46
N ALA A 253 -1.11 13.56 4.71
CA ALA A 253 -2.39 14.23 4.97
C ALA A 253 -2.52 15.53 4.17
N SER A 254 -1.48 16.37 4.17
CA SER A 254 -1.59 17.62 3.44
C SER A 254 -1.79 17.36 1.94
N ALA A 255 -1.08 16.38 1.37
CA ALA A 255 -1.28 16.09 -0.05
C ALA A 255 -2.72 15.70 -0.32
N ALA A 256 -3.28 14.88 0.57
CA ALA A 256 -4.66 14.44 0.39
C ALA A 256 -5.61 15.61 0.51
N ARG A 257 -5.40 16.46 1.50
CA ARG A 257 -6.26 17.64 1.65
C ARG A 257 -6.24 18.47 0.39
N ILE A 258 -5.05 18.68 -0.17
CA ILE A 258 -4.90 19.45 -1.40
C ILE A 258 -5.61 18.78 -2.56
N ILE A 259 -5.52 17.45 -2.67
CA ILE A 259 -6.24 16.74 -3.71
C ILE A 259 -7.74 16.89 -3.52
N ALA A 260 -8.22 16.74 -2.27
CA ALA A 260 -9.65 16.84 -2.00
C ALA A 260 -10.20 18.25 -2.23
N GLU A 261 -9.36 19.28 -2.06
CA GLU A 261 -9.77 20.64 -2.42
C GLU A 261 -10.12 20.71 -3.90
N GLY A 262 -9.23 20.21 -4.77
CA GLY A 262 -9.39 20.24 -6.21
C GLY A 262 -10.60 19.47 -6.73
N LEU A 263 -11.36 18.88 -5.81
CA LEU A 263 -12.57 18.15 -6.17
C LEU A 263 -13.80 18.69 -5.44
C02 J1X B . 10.76 -1.64 8.91
C03 J1X B . 12.12 -0.98 8.76
C04 J1X B . 13.10 -1.74 8.17
C05 J1X B . 14.34 -1.17 8.00
C06 J1X B . 15.41 -2.01 7.33
C10 J1X B . 14.62 0.15 8.41
C11 J1X B . 13.61 0.91 9.00
C14 J1X B . 13.44 4.24 9.93
C15 J1X B . 14.79 4.04 9.96
C16 J1X B . 15.04 2.72 9.59
C17 J1X B . 12.35 0.34 9.17
C19 J1X B . 8.28 -1.16 9.26
C20 J1X B . 7.27 -0.27 8.85
C21 J1X B . 5.92 -0.60 8.99
C22 J1X B . 4.94 0.30 8.58
C27 J1X B . 5.58 -1.85 9.51
C28 J1X B . 6.59 -2.74 9.91
C29 J1X B . 7.95 -2.41 9.79
F07 J1X B . 15.18 -1.79 6.01
F08 J1X B . 15.33 -3.35 7.54
F09 J1X B . 16.63 -1.53 7.70
N12 J1X B . 13.84 2.16 9.38
N13 J1X B . 12.86 3.09 9.58
N18 J1X B . 9.65 -0.73 9.09
N23 J1X B . 3.66 0.01 8.32
N24 J1X B . 3.03 1.18 7.96
N25 J1X B . 3.94 2.18 8.03
N26 J1X B . 5.12 1.60 8.43
O01 J1X B . 10.63 -2.81 8.83
#